data_5E00
#
_entry.id   5E00
#
_cell.length_a   48.608
_cell.length_b   72.006
_cell.length_c   123.788
_cell.angle_alpha   90.00
_cell.angle_beta   90.00
_cell.angle_gamma   90.00
#
_symmetry.space_group_name_H-M   'P 21 21 21'
#
loop_
_entity.id
_entity.type
_entity.pdbx_description
1 polymer 'HLA class I histocompatibility antigen, A-2 alpha chain'
2 polymer Beta-2-microglobulin
3 polymer GLY-VAL-TRP-ILE-ARG-THR-PRO-PRO-ALA
4 non-polymer 'SULFATE ION'
5 water water
#
loop_
_entity_poly.entity_id
_entity_poly.type
_entity_poly.pdbx_seq_one_letter_code
_entity_poly.pdbx_strand_id
1 'polypeptide(L)'
;GSHSMRYFFTSVSRPGRGEPRFIAVGYVDDTQFVRFDSDAASQRMEPRAPWIEQEGPEYWDGETRKVKAHSQTHRVDLGT
LRGYYNQSEAGSHTVQRMYGCDVGSDWRFLRGYHQYAYDGKDYIALKEDLRSWTAADMAAQTTKHKWEAAHVAEQLRAYL
EGTCVEWLRRYLENGKETLQRTDAPKTHMTHHAVSDHEATLRCWALSFYPAEITLTWQRDGEDQTQDTELVETRPAGDGT
FQKWAAVVVPSGQEQRYTCHVQHEGLPKPLTLRWE
;
A
2 'polypeptide(L)'
;MIQRTPKIQVYSRHPAENGKSNFLNCYVSGFHPSDIEVDLLKNGERIEKVEHSDLSFSKDWSFYLLYYTEFTPTEKDEYA
CRVNHVTLSQPKIVKWDRDM
;
B
3 'polypeptide(L)' GVWIRTPPA C
#
# COMPACT_ATOMS: atom_id res chain seq x y z
N GLY A 1 0.89 9.75 18.11
CA GLY A 1 0.11 10.63 17.27
C GLY A 1 -1.28 10.06 16.98
N SER A 2 -1.83 10.43 15.83
CA SER A 2 -3.13 9.92 15.43
C SER A 2 -3.03 8.47 14.98
N HIS A 3 -4.15 7.77 14.98
CA HIS A 3 -4.18 6.38 14.53
C HIS A 3 -5.35 6.12 13.61
N SER A 4 -5.23 5.06 12.81
CA SER A 4 -6.30 4.71 11.89
C SER A 4 -6.54 3.22 11.83
N MET A 5 -7.79 2.83 11.54
CA MET A 5 -8.07 1.48 11.11
C MET A 5 -8.70 1.57 9.74
N ARG A 6 -8.15 0.82 8.78
CA ARG A 6 -8.64 0.87 7.41
C ARG A 6 -8.80 -0.52 6.81
N TYR A 7 -9.91 -0.75 6.11
CA TYR A 7 -10.09 -1.98 5.36
C TYR A 7 -10.12 -1.67 3.86
N PHE A 8 -9.46 -2.57 3.11
CA PHE A 8 -9.30 -2.47 1.67
C PHE A 8 -9.88 -3.72 1.01
N PHE A 9 -10.77 -3.54 0.05
CA PHE A 9 -11.45 -4.65 -0.62
C PHE A 9 -11.27 -4.52 -2.12
N THR A 10 -10.79 -5.58 -2.76
CA THR A 10 -10.62 -5.59 -4.21
C THR A 10 -11.32 -6.81 -4.83
N SER A 11 -12.14 -6.57 -5.84
CA SER A 11 -12.71 -7.66 -6.62
C SER A 11 -12.41 -7.45 -8.10
N VAL A 12 -12.03 -8.53 -8.76
CA VAL A 12 -11.61 -8.47 -10.15
C VAL A 12 -12.36 -9.55 -10.95
N SER A 13 -13.16 -9.14 -11.93
CA SER A 13 -13.90 -10.10 -12.72
C SER A 13 -12.97 -10.90 -13.63
N ARG A 14 -13.37 -12.13 -13.91
CA ARG A 14 -12.59 -13.04 -14.74
C ARG A 14 -13.44 -13.59 -15.87
N PRO A 15 -13.59 -12.81 -16.96
CA PRO A 15 -14.42 -13.20 -18.11
C PRO A 15 -14.09 -14.59 -18.63
N GLY A 16 -15.10 -15.44 -18.75
CA GLY A 16 -14.94 -16.78 -19.28
C GLY A 16 -14.17 -17.70 -18.35
N ARG A 17 -13.86 -17.23 -17.15
CA ARG A 17 -13.08 -18.02 -16.21
C ARG A 17 -13.65 -17.98 -14.79
N GLY A 18 -14.96 -17.84 -14.68
CA GLY A 18 -15.66 -18.04 -13.41
C GLY A 18 -15.82 -16.83 -12.51
N GLU A 19 -15.80 -17.08 -11.21
CA GLU A 19 -16.08 -16.08 -10.19
C GLU A 19 -14.92 -15.10 -10.00
N PRO A 20 -15.23 -13.88 -9.55
CA PRO A 20 -14.21 -12.84 -9.38
C PRO A 20 -13.19 -13.18 -8.31
N ARG A 21 -11.96 -12.71 -8.50
CA ARG A 21 -10.97 -12.74 -7.43
C ARG A 21 -11.39 -11.71 -6.39
N PHE A 22 -11.32 -12.08 -5.11
CA PHE A 22 -11.67 -11.16 -4.03
C PHE A 22 -10.58 -11.17 -2.96
N ILE A 23 -10.04 -10.00 -2.65
CA ILE A 23 -9.02 -9.88 -1.62
C ILE A 23 -9.38 -8.75 -0.67
N ALA A 24 -9.41 -9.06 0.63
CA ALA A 24 -9.63 -8.06 1.65
C ALA A 24 -8.42 -7.98 2.58
N VAL A 25 -8.01 -6.77 2.91
CA VAL A 25 -6.95 -6.60 3.91
C VAL A 25 -7.33 -5.54 4.93
N GLY A 26 -6.91 -5.74 6.17
CA GLY A 26 -7.15 -4.76 7.21
C GLY A 26 -5.83 -4.26 7.79
N TYR A 27 -5.76 -2.95 8.02
CA TYR A 27 -4.60 -2.31 8.62
C TYR A 27 -4.97 -1.51 9.87
N VAL A 28 -4.08 -1.53 10.85
CA VAL A 28 -4.07 -0.48 11.88
C VAL A 28 -2.81 0.32 11.64
N ASP A 29 -2.96 1.62 11.39
CA ASP A 29 -1.85 2.45 10.92
C ASP A 29 -1.18 1.78 9.73
N ASP A 30 0.13 1.53 9.81
CA ASP A 30 0.87 0.93 8.71
C ASP A 30 1.15 -0.56 8.93
N THR A 31 0.34 -1.18 9.79
CA THR A 31 0.51 -2.59 10.13
C THR A 31 -0.70 -3.43 9.69
N GLN A 32 -0.48 -4.38 8.79
CA GLN A 32 -1.58 -5.28 8.39
C GLN A 32 -1.88 -6.23 9.53
N PHE A 33 -3.16 -6.51 9.76
CA PHE A 33 -3.51 -7.44 10.83
C PHE A 33 -4.50 -8.55 10.41
N VAL A 34 -5.19 -8.38 9.28
CA VAL A 34 -6.04 -9.46 8.76
C VAL A 34 -6.04 -9.54 7.25
N ARG A 35 -6.46 -10.69 6.72
CA ARG A 35 -6.66 -10.82 5.28
C ARG A 35 -7.73 -11.87 4.96
N PHE A 36 -8.36 -11.71 3.81
CA PHE A 36 -9.17 -12.75 3.21
C PHE A 36 -8.78 -12.79 1.74
N ASP A 37 -8.54 -13.98 1.21
CA ASP A 37 -8.22 -14.13 -0.20
C ASP A 37 -9.01 -15.30 -0.78
N SER A 38 -9.79 -15.03 -1.82
CA SER A 38 -10.62 -16.08 -2.42
C SER A 38 -9.76 -17.21 -2.99
N ASP A 39 -8.51 -16.91 -3.33
CA ASP A 39 -7.59 -17.88 -3.90
C ASP A 39 -7.03 -18.85 -2.85
N ALA A 40 -7.15 -18.49 -1.58
CA ALA A 40 -6.49 -19.27 -0.54
C ALA A 40 -7.33 -20.42 -0.01
N ALA A 41 -6.75 -21.19 0.92
CA ALA A 41 -7.31 -22.47 1.34
C ALA A 41 -8.47 -22.38 2.31
N SER A 42 -8.38 -21.47 3.28
CA SER A 42 -9.30 -21.50 4.41
C SER A 42 -10.69 -20.95 4.11
N GLN A 43 -10.78 -20.01 3.19
CA GLN A 43 -12.02 -19.28 2.93
C GLN A 43 -12.52 -18.62 4.23
N ARG A 44 -11.57 -18.15 5.03
CA ARG A 44 -11.90 -17.46 6.27
C ARG A 44 -11.08 -16.19 6.38
N MET A 45 -11.54 -15.26 7.21
CA MET A 45 -10.68 -14.15 7.62
C MET A 45 -9.55 -14.75 8.45
N GLU A 46 -8.33 -14.30 8.19
CA GLU A 46 -7.13 -14.85 8.83
C GLU A 46 -6.31 -13.78 9.52
N PRO A 47 -5.66 -14.13 10.65
CA PRO A 47 -4.79 -13.18 11.34
C PRO A 47 -3.46 -12.94 10.64
N ARG A 48 -2.94 -11.73 10.76
CA ARG A 48 -1.64 -11.40 10.19
C ARG A 48 -0.78 -10.62 11.18
N ALA A 49 -1.26 -10.56 12.42
CA ALA A 49 -0.50 -9.95 13.51
C ALA A 49 -0.76 -10.76 14.78
N PRO A 50 0.27 -10.93 15.62
CA PRO A 50 0.07 -11.76 16.80
C PRO A 50 -1.01 -11.22 17.73
N TRP A 51 -1.19 -9.91 17.77
CA TRP A 51 -2.12 -9.33 18.72
C TRP A 51 -3.58 -9.48 18.33
N ILE A 52 -3.86 -9.92 17.10
CA ILE A 52 -5.24 -10.19 16.71
C ILE A 52 -5.53 -11.69 16.83
N GLU A 53 -4.49 -12.51 16.75
CA GLU A 53 -4.65 -13.96 16.83
C GLU A 53 -5.39 -14.39 18.08
N GLN A 54 -5.23 -13.61 19.15
CA GLN A 54 -5.79 -13.94 20.45
C GLN A 54 -7.31 -13.83 20.50
N GLU A 55 -7.92 -13.15 19.54
CA GLU A 55 -9.38 -13.06 19.52
C GLU A 55 -9.96 -14.46 19.33
N GLY A 56 -11.09 -14.72 20.00
CA GLY A 56 -11.67 -16.04 20.03
C GLY A 56 -12.46 -16.42 18.79
N PRO A 57 -12.98 -17.65 18.77
CA PRO A 57 -13.68 -18.22 17.60
C PRO A 57 -14.86 -17.37 17.15
N GLU A 58 -15.56 -16.71 18.06
CA GLU A 58 -16.72 -15.92 17.64
C GLU A 58 -16.28 -14.71 16.82
N TYR A 59 -15.14 -14.12 17.18
CA TYR A 59 -14.57 -13.03 16.39
C TYR A 59 -14.27 -13.51 14.97
N TRP A 60 -13.54 -14.61 14.85
CA TRP A 60 -13.11 -15.08 13.54
C TRP A 60 -14.27 -15.59 12.68
N ASP A 61 -15.24 -16.24 13.31
CA ASP A 61 -16.45 -16.66 12.60
C ASP A 61 -17.22 -15.44 12.10
N GLY A 62 -17.36 -14.43 12.96
CA GLY A 62 -18.08 -13.22 12.60
C GLY A 62 -17.42 -12.46 11.47
N GLU A 63 -16.11 -12.30 11.56
CA GLU A 63 -15.37 -11.57 10.54
C GLU A 63 -15.43 -12.33 9.22
N THR A 64 -15.38 -13.66 9.29
CA THR A 64 -15.49 -14.47 8.10
C THR A 64 -16.86 -14.30 7.42
N ARG A 65 -17.93 -14.36 8.22
CA ARG A 65 -19.29 -14.18 7.72
C ARG A 65 -19.45 -12.82 7.03
N LYS A 66 -19.02 -11.77 7.72
CA LYS A 66 -19.17 -10.41 7.18
C LYS A 66 -18.32 -10.18 5.93
N VAL A 67 -17.10 -10.69 5.92
CA VAL A 67 -16.22 -10.45 4.77
C VAL A 67 -16.74 -11.24 3.56
N LYS A 68 -17.32 -12.41 3.81
CA LYS A 68 -17.97 -13.16 2.73
C LYS A 68 -19.15 -12.36 2.16
N ALA A 69 -19.90 -11.70 3.04
CA ALA A 69 -20.98 -10.81 2.58
C ALA A 69 -20.44 -9.67 1.69
N HIS A 70 -19.31 -9.08 2.08
CA HIS A 70 -18.65 -8.07 1.25
C HIS A 70 -18.34 -8.64 -0.14
N SER A 71 -17.78 -9.85 -0.15
CA SER A 71 -17.44 -10.51 -1.41
C SER A 71 -18.66 -10.69 -2.31
N GLN A 72 -19.75 -11.16 -1.72
CA GLN A 72 -21.00 -11.35 -2.46
C GLN A 72 -21.49 -10.04 -3.08
N THR A 73 -21.47 -8.98 -2.29
CA THR A 73 -21.90 -7.68 -2.79
C THR A 73 -21.06 -7.26 -3.97
N HIS A 74 -19.74 -7.42 -3.88
CA HIS A 74 -18.86 -7.06 -5.00
C HIS A 74 -19.16 -7.90 -6.26
N ARG A 75 -19.46 -9.18 -6.06
CA ARG A 75 -19.73 -10.03 -7.21
C ARG A 75 -20.98 -9.53 -7.93
N VAL A 76 -22.01 -9.16 -7.17
CA VAL A 76 -23.20 -8.58 -7.79
C VAL A 76 -22.89 -7.23 -8.46
N ASP A 77 -22.14 -6.38 -7.75
CA ASP A 77 -21.78 -5.07 -8.26
C ASP A 77 -21.07 -5.12 -9.59
N LEU A 78 -20.21 -6.11 -9.82
CA LEU A 78 -19.48 -6.17 -11.08
C LEU A 78 -20.48 -6.30 -12.24
N GLY A 79 -21.50 -7.12 -12.03
CA GLY A 79 -22.53 -7.30 -13.03
C GLY A 79 -23.38 -6.04 -13.18
N THR A 80 -23.73 -5.45 -12.05
CA THR A 80 -24.56 -4.26 -12.05
C THR A 80 -23.88 -3.11 -12.80
N LEU A 81 -22.61 -2.89 -12.51
CA LEU A 81 -21.88 -1.77 -13.09
C LEU A 81 -21.59 -2.05 -14.55
N ARG A 82 -21.35 -3.32 -14.87
CA ARG A 82 -21.23 -3.69 -16.28
C ARG A 82 -22.51 -3.27 -17.01
N GLY A 83 -23.65 -3.49 -16.36
CA GLY A 83 -24.92 -3.04 -16.91
C GLY A 83 -25.05 -1.52 -17.03
N TYR A 84 -24.68 -0.80 -15.97
CA TYR A 84 -24.79 0.67 -15.95
C TYR A 84 -24.06 1.30 -17.15
N TYR A 85 -22.90 0.76 -17.48
CA TYR A 85 -22.08 1.31 -18.55
C TYR A 85 -22.24 0.55 -19.87
N ASN A 86 -23.17 -0.41 -19.89
CA ASN A 86 -23.39 -1.28 -21.05
C ASN A 86 -22.09 -1.84 -21.63
N GLN A 87 -21.25 -2.37 -20.77
CA GLN A 87 -19.99 -2.98 -21.20
C GLN A 87 -20.19 -4.44 -21.58
N SER A 88 -19.32 -4.94 -22.44
CA SER A 88 -19.40 -6.31 -22.91
C SER A 88 -18.96 -7.30 -21.83
N GLU A 89 -19.14 -8.58 -22.10
CA GLU A 89 -18.68 -9.62 -21.20
C GLU A 89 -17.23 -9.98 -21.43
N ALA A 90 -16.59 -9.32 -22.40
CA ALA A 90 -15.26 -9.72 -22.83
C ALA A 90 -14.15 -9.25 -21.90
N GLY A 91 -14.39 -8.13 -21.20
CA GLY A 91 -13.34 -7.50 -20.44
C GLY A 91 -13.38 -7.73 -18.94
N SER A 92 -12.19 -7.77 -18.35
CA SER A 92 -12.06 -7.81 -16.89
C SER A 92 -12.24 -6.41 -16.32
N HIS A 93 -12.94 -6.32 -15.19
CA HIS A 93 -13.16 -5.03 -14.53
C HIS A 93 -12.88 -5.15 -13.05
N THR A 94 -12.69 -4.00 -12.40
CA THR A 94 -12.28 -3.95 -11.00
C THR A 94 -13.21 -3.12 -10.14
N VAL A 95 -13.60 -3.67 -8.99
CA VAL A 95 -14.29 -2.89 -7.97
C VAL A 95 -13.36 -2.78 -6.76
N GLN A 96 -13.18 -1.55 -6.26
CA GLN A 96 -12.38 -1.35 -5.05
C GLN A 96 -13.17 -0.57 -4.03
N ARG A 97 -13.06 -0.97 -2.77
CA ARG A 97 -13.73 -0.25 -1.69
C ARG A 97 -12.75 -0.05 -0.55
N MET A 98 -12.71 1.15 0.01
CA MET A 98 -11.88 1.39 1.19
C MET A 98 -12.72 2.08 2.23
N TYR A 99 -12.71 1.61 3.47
CA TYR A 99 -13.34 2.44 4.49
C TYR A 99 -12.59 2.35 5.81
N GLY A 100 -12.88 3.28 6.71
CA GLY A 100 -12.23 3.23 8.00
C GLY A 100 -12.35 4.50 8.82
N CYS A 101 -11.59 4.55 9.91
CA CYS A 101 -11.71 5.66 10.84
C CYS A 101 -10.36 6.09 11.41
N ASP A 102 -10.25 7.40 11.67
CA ASP A 102 -9.11 7.99 12.35
C ASP A 102 -9.51 8.50 13.73
N VAL A 103 -8.61 8.28 14.70
CA VAL A 103 -8.68 8.89 16.01
C VAL A 103 -7.43 9.76 16.22
N GLY A 104 -7.52 10.75 17.10
CA GLY A 104 -6.39 11.59 17.40
C GLY A 104 -5.51 10.97 18.48
N SER A 105 -4.55 11.74 18.98
CA SER A 105 -3.67 11.27 20.05
C SER A 105 -4.46 10.89 21.30
N ASP A 106 -5.62 11.50 21.48
CA ASP A 106 -6.47 11.22 22.63
C ASP A 106 -7.36 10.01 22.38
N TRP A 107 -7.16 9.38 21.22
CA TRP A 107 -7.92 8.21 20.78
C TRP A 107 -9.41 8.50 20.61
N ARG A 108 -9.77 9.78 20.54
CA ARG A 108 -11.15 10.15 20.25
C ARG A 108 -11.39 10.22 18.76
N PHE A 109 -12.61 9.90 18.33
CA PHE A 109 -12.98 9.92 16.91
C PHE A 109 -12.57 11.23 16.24
N LEU A 110 -11.82 11.12 15.15
CA LEU A 110 -11.35 12.28 14.43
C LEU A 110 -12.06 12.37 13.09
N ARG A 111 -12.08 11.28 12.34
CA ARG A 111 -12.82 11.30 11.07
C ARG A 111 -13.13 9.91 10.55
N GLY A 112 -14.09 9.81 9.65
CA GLY A 112 -14.42 8.54 9.04
C GLY A 112 -14.43 8.67 7.53
N TYR A 113 -14.34 7.54 6.82
CA TYR A 113 -14.37 7.60 5.37
C TYR A 113 -14.82 6.29 4.74
N HIS A 114 -15.37 6.42 3.54
CA HIS A 114 -15.80 5.29 2.73
C HIS A 114 -15.74 5.70 1.27
N GLN A 115 -14.89 5.04 0.51
CA GLN A 115 -14.66 5.37 -0.90
C GLN A 115 -14.82 4.11 -1.75
N TYR A 116 -15.33 4.32 -2.97
CA TYR A 116 -15.64 3.22 -3.88
C TYR A 116 -15.23 3.61 -5.29
N ALA A 117 -14.49 2.71 -5.95
CA ALA A 117 -13.96 2.92 -7.29
C ALA A 117 -14.33 1.78 -8.24
N TYR A 118 -14.56 2.16 -9.50
CA TYR A 118 -14.73 1.20 -10.59
C TYR A 118 -13.63 1.40 -11.62
N ASP A 119 -12.95 0.31 -11.96
CA ASP A 119 -11.84 0.33 -12.91
C ASP A 119 -10.81 1.42 -12.63
N GLY A 120 -10.48 1.60 -11.35
CA GLY A 120 -9.32 2.39 -10.98
C GLY A 120 -9.53 3.87 -10.79
N LYS A 121 -10.78 4.34 -10.92
CA LYS A 121 -11.05 5.74 -10.63
C LYS A 121 -12.30 5.88 -9.77
N ASP A 122 -12.42 7.04 -9.11
CA ASP A 122 -13.55 7.32 -8.23
C ASP A 122 -14.88 6.99 -8.87
N TYR A 123 -15.73 6.32 -8.11
CA TYR A 123 -17.08 6.04 -8.54
C TYR A 123 -18.06 6.74 -7.60
N ILE A 124 -17.99 6.41 -6.31
CA ILE A 124 -18.83 7.10 -5.34
C ILE A 124 -18.14 7.14 -4.00
N ALA A 125 -18.30 8.25 -3.29
CA ALA A 125 -17.64 8.40 -1.99
C ALA A 125 -18.52 9.10 -0.97
N LEU A 126 -18.35 8.72 0.29
CA LEU A 126 -19.01 9.42 1.37
C LEU A 126 -18.32 10.77 1.57
N LYS A 127 -19.10 11.84 1.72
CA LYS A 127 -18.52 13.14 2.02
C LYS A 127 -18.01 13.20 3.46
N GLU A 128 -17.19 14.20 3.76
CA GLU A 128 -16.51 14.27 5.05
C GLU A 128 -17.47 14.27 6.24
N ASP A 129 -18.64 14.89 6.07
CA ASP A 129 -19.61 14.96 7.17
C ASP A 129 -20.37 13.66 7.37
N LEU A 130 -20.08 12.67 6.51
CA LEU A 130 -20.67 11.33 6.61
C LEU A 130 -22.18 11.34 6.47
N ARG A 131 -22.73 12.32 5.76
CA ARG A 131 -24.17 12.46 5.65
C ARG A 131 -24.67 12.50 4.20
N SER A 132 -23.75 12.56 3.24
CA SER A 132 -24.12 12.59 1.85
C SER A 132 -23.04 12.00 0.95
N TRP A 133 -23.36 11.83 -0.32
CA TRP A 133 -22.48 11.16 -1.26
C TRP A 133 -22.03 12.06 -2.41
N THR A 134 -20.82 11.78 -2.91
CA THR A 134 -20.33 12.37 -4.14
C THR A 134 -20.22 11.29 -5.21
N ALA A 135 -20.98 11.46 -6.29
CA ALA A 135 -20.99 10.51 -7.41
C ALA A 135 -20.22 11.07 -8.60
N ALA A 136 -19.48 10.19 -9.28
CA ALA A 136 -18.57 10.62 -10.34
C ALA A 136 -19.25 10.95 -11.68
N ASP A 137 -20.34 10.25 -11.97
CA ASP A 137 -21.09 10.45 -13.22
C ASP A 137 -22.55 10.06 -13.02
N MET A 138 -23.33 10.00 -14.10
CA MET A 138 -24.76 9.69 -14.00
C MET A 138 -25.01 8.24 -13.54
N ALA A 139 -24.17 7.33 -14.03
CA ALA A 139 -24.22 5.94 -13.62
C ALA A 139 -24.07 5.86 -12.10
N ALA A 140 -23.08 6.56 -11.56
CA ALA A 140 -22.87 6.56 -10.12
C ALA A 140 -24.03 7.24 -9.39
N GLN A 141 -24.71 8.17 -10.06
CA GLN A 141 -25.88 8.80 -9.44
C GLN A 141 -26.99 7.78 -9.24
N THR A 142 -27.06 6.79 -10.12
CA THR A 142 -28.00 5.68 -9.86
C THR A 142 -27.74 5.01 -8.51
N THR A 143 -26.48 4.69 -8.27
CA THR A 143 -26.05 4.10 -7.00
C THR A 143 -26.34 5.04 -5.84
N LYS A 144 -26.07 6.33 -6.03
CA LYS A 144 -26.32 7.33 -5.01
C LYS A 144 -27.79 7.35 -4.59
N HIS A 145 -28.68 7.34 -5.58
CA HIS A 145 -30.12 7.35 -5.29
C HIS A 145 -30.55 6.07 -4.57
N LYS A 146 -29.98 4.94 -4.97
CA LYS A 146 -30.25 3.69 -4.27
C LYS A 146 -29.79 3.73 -2.80
N TRP A 147 -28.62 4.29 -2.56
CA TRP A 147 -28.08 4.33 -1.20
C TRP A 147 -28.78 5.38 -0.35
N GLU A 148 -29.39 6.37 -1.00
CA GLU A 148 -30.19 7.34 -0.29
C GLU A 148 -31.51 6.70 0.12
N ALA A 149 -32.11 5.95 -0.80
CA ALA A 149 -33.34 5.22 -0.50
C ALA A 149 -33.14 4.21 0.62
N ALA A 150 -31.94 3.63 0.70
CA ALA A 150 -31.62 2.61 1.70
C ALA A 150 -30.96 3.20 2.95
N HIS A 151 -30.79 4.52 2.95
CA HIS A 151 -30.20 5.27 4.05
C HIS A 151 -28.91 4.64 4.55
N VAL A 152 -28.04 4.39 3.59
CA VAL A 152 -26.74 3.79 3.84
C VAL A 152 -25.86 4.71 4.67
N ALA A 153 -25.89 6.01 4.36
CA ALA A 153 -25.05 6.99 5.06
C ALA A 153 -25.29 6.97 6.57
N GLU A 154 -26.54 6.85 6.99
CA GLU A 154 -26.91 6.80 8.41
C GLU A 154 -26.27 5.59 9.12
N GLN A 155 -26.43 4.42 8.51
CA GLN A 155 -25.90 3.18 9.05
C GLN A 155 -24.37 3.18 9.11
N LEU A 156 -23.79 3.63 8.01
CA LEU A 156 -22.35 3.70 7.85
C LEU A 156 -21.75 4.69 8.84
N ARG A 157 -22.44 5.80 9.03
CA ARG A 157 -21.99 6.81 9.98
C ARG A 157 -21.96 6.22 11.39
N ALA A 158 -23.01 5.47 11.72
CA ALA A 158 -23.04 4.78 13.01
C ALA A 158 -21.83 3.84 13.17
N TYR A 159 -21.47 3.12 12.10
CA TYR A 159 -20.27 2.28 12.18
C TYR A 159 -18.97 3.08 12.34
N LEU A 160 -18.78 4.08 11.48
CA LEU A 160 -17.52 4.82 11.43
C LEU A 160 -17.25 5.61 12.70
N GLU A 161 -18.31 6.17 13.28
CA GLU A 161 -18.16 7.01 14.47
C GLU A 161 -18.15 6.22 15.77
N GLY A 162 -18.61 4.97 15.70
CA GLY A 162 -18.75 4.17 16.90
C GLY A 162 -17.96 2.87 16.87
N THR A 163 -18.54 1.85 16.25
CA THR A 163 -17.96 0.52 16.18
C THR A 163 -16.50 0.52 15.71
N CYS A 164 -16.25 1.24 14.62
CA CYS A 164 -14.92 1.34 14.04
C CYS A 164 -13.88 1.81 15.06
N VAL A 165 -14.21 2.88 15.79
CA VAL A 165 -13.31 3.46 16.76
C VAL A 165 -13.15 2.54 17.98
N GLU A 166 -14.22 1.85 18.35
CA GLU A 166 -14.14 0.89 19.46
C GLU A 166 -13.15 -0.24 19.13
N TRP A 167 -13.26 -0.78 17.92
CA TRP A 167 -12.31 -1.79 17.46
C TRP A 167 -10.90 -1.25 17.45
N LEU A 168 -10.73 -0.05 16.87
CA LEU A 168 -9.41 0.54 16.77
C LEU A 168 -8.77 0.71 18.15
N ARG A 169 -9.54 1.17 19.13
CA ARG A 169 -9.00 1.32 20.48
C ARG A 169 -8.61 -0.04 21.10
N ARG A 170 -9.45 -1.05 20.89
CA ARG A 170 -9.13 -2.39 21.41
C ARG A 170 -7.82 -2.91 20.82
N TYR A 171 -7.69 -2.77 19.51
CA TYR A 171 -6.49 -3.20 18.80
C TYR A 171 -5.25 -2.42 19.24
N LEU A 172 -5.40 -1.11 19.40
CA LEU A 172 -4.28 -0.27 19.83
C LEU A 172 -3.78 -0.70 21.19
N GLU A 173 -4.70 -1.06 22.09
CA GLU A 173 -4.27 -1.55 23.40
C GLU A 173 -3.63 -2.94 23.32
N ASN A 174 -4.29 -3.87 22.65
CA ASN A 174 -3.79 -5.24 22.61
C ASN A 174 -2.47 -5.37 21.84
N GLY A 175 -2.27 -4.53 20.83
CA GLY A 175 -1.05 -4.56 20.06
C GLY A 175 -0.09 -3.44 20.39
N LYS A 176 -0.20 -2.92 21.62
CA LYS A 176 0.54 -1.73 22.00
C LYS A 176 2.06 -1.87 21.86
N GLU A 177 2.58 -3.08 22.08
CA GLU A 177 4.02 -3.31 22.04
C GLU A 177 4.62 -3.03 20.68
N THR A 178 3.81 -3.11 19.62
CA THR A 178 4.29 -2.89 18.28
C THR A 178 3.57 -1.74 17.58
N LEU A 179 2.29 -1.54 17.88
CA LEU A 179 1.54 -0.46 17.25
C LEU A 179 1.87 0.91 17.81
N GLN A 180 2.18 0.97 19.11
CA GLN A 180 2.45 2.26 19.73
C GLN A 180 3.95 2.51 19.85
N ARG A 181 4.69 2.03 18.86
CA ARG A 181 6.14 2.21 18.82
C ARG A 181 6.51 3.23 17.76
N THR A 182 7.63 3.91 17.97
CA THR A 182 8.21 4.75 16.94
C THR A 182 9.64 4.29 16.68
N ASP A 183 9.93 3.96 15.43
CA ASP A 183 11.29 3.61 15.03
C ASP A 183 11.88 4.74 14.21
N ALA A 184 12.87 5.42 14.76
CA ALA A 184 13.51 6.53 14.06
C ALA A 184 14.30 6.03 12.86
N PRO A 185 14.31 6.81 11.77
CA PRO A 185 15.11 6.38 10.61
C PRO A 185 16.61 6.38 10.89
N LYS A 186 17.27 5.38 10.33
CA LYS A 186 18.72 5.35 10.26
C LYS A 186 19.09 5.99 8.92
N THR A 187 19.94 7.02 8.96
CA THR A 187 20.17 7.81 7.76
C THR A 187 21.60 7.74 7.28
N HIS A 188 21.79 7.89 5.98
CA HIS A 188 23.15 8.04 5.45
C HIS A 188 23.11 8.61 4.06
N MET A 189 24.26 9.03 3.54
CA MET A 189 24.29 9.61 2.20
C MET A 189 25.31 8.92 1.31
N THR A 190 24.97 8.76 0.04
CA THR A 190 25.90 8.22 -0.94
C THR A 190 26.10 9.18 -2.10
N HIS A 191 27.13 8.91 -2.90
CA HIS A 191 27.49 9.73 -4.04
C HIS A 191 27.83 8.88 -5.26
N HIS A 192 27.35 9.30 -6.42
CA HIS A 192 27.75 8.69 -7.69
C HIS A 192 28.24 9.75 -8.65
N ALA A 193 29.22 9.41 -9.50
CA ALA A 193 29.59 10.30 -10.59
C ALA A 193 28.70 9.99 -11.79
N VAL A 194 27.95 10.99 -12.24
CA VAL A 194 27.13 10.85 -13.44
C VAL A 194 28.03 11.03 -14.66
N SER A 195 28.90 12.03 -14.56
CA SER A 195 29.86 12.36 -15.60
C SER A 195 31.05 13.02 -14.93
N ASP A 196 31.97 13.58 -15.73
CA ASP A 196 33.10 14.31 -15.16
C ASP A 196 32.65 15.54 -14.39
N HIS A 197 31.46 16.06 -14.70
CA HIS A 197 31.03 17.34 -14.15
C HIS A 197 29.67 17.32 -13.45
N GLU A 198 29.05 16.14 -13.36
CA GLU A 198 27.80 16.00 -12.61
C GLU A 198 27.86 14.82 -11.66
N ALA A 199 27.23 14.97 -10.49
CA ALA A 199 27.20 13.90 -9.51
C ALA A 199 25.81 13.76 -8.90
N THR A 200 25.46 12.53 -8.53
CA THR A 200 24.23 12.26 -7.81
C THR A 200 24.51 12.14 -6.32
N LEU A 201 23.77 12.90 -5.52
CA LEU A 201 23.79 12.72 -4.07
C LEU A 201 22.49 12.03 -3.67
N ARG A 202 22.60 10.94 -2.92
CA ARG A 202 21.42 10.17 -2.52
C ARG A 202 21.32 10.11 -1.00
N CYS A 203 20.19 10.59 -0.49
CA CYS A 203 19.91 10.67 0.93
C CYS A 203 18.98 9.53 1.34
N TRP A 204 19.43 8.75 2.33
CA TRP A 204 18.80 7.51 2.73
C TRP A 204 18.16 7.57 4.11
N ALA A 205 16.91 7.07 4.17
CA ALA A 205 16.23 6.75 5.42
C ALA A 205 15.84 5.28 5.44
N LEU A 206 16.30 4.55 6.46
CA LEU A 206 16.05 3.12 6.57
C LEU A 206 15.47 2.75 7.94
N SER A 207 14.80 1.61 8.02
CA SER A 207 14.37 1.04 9.30
C SER A 207 13.45 1.96 10.11
N PHE A 208 12.51 2.66 9.48
CA PHE A 208 11.64 3.54 10.25
C PHE A 208 10.18 3.07 10.28
N TYR A 209 9.49 3.49 11.34
CA TYR A 209 8.06 3.27 11.52
C TYR A 209 7.51 4.38 12.41
N PRO A 210 6.36 4.96 12.06
CA PRO A 210 5.49 4.62 10.93
C PRO A 210 6.06 5.05 9.58
N ALA A 211 5.31 4.78 8.51
CA ALA A 211 5.81 4.98 7.15
C ALA A 211 5.93 6.46 6.77
N GLU A 212 5.11 7.30 7.40
CA GLU A 212 5.13 8.74 7.12
C GLU A 212 6.50 9.35 7.37
N ILE A 213 7.04 10.01 6.35
CA ILE A 213 8.37 10.60 6.44
C ILE A 213 8.51 11.69 5.38
N THR A 214 9.37 12.68 5.65
CA THR A 214 9.65 13.69 4.64
C THR A 214 11.14 13.86 4.43
N LEU A 215 11.57 13.62 3.20
CA LEU A 215 12.95 13.85 2.77
C LEU A 215 12.96 15.02 1.80
N THR A 216 13.73 16.05 2.10
CA THR A 216 13.82 17.19 1.20
C THR A 216 15.27 17.56 0.93
N TRP A 217 15.55 18.02 -0.28
CA TRP A 217 16.87 18.54 -0.57
C TRP A 217 16.84 20.07 -0.60
N GLN A 218 17.90 20.68 -0.07
CA GLN A 218 18.07 22.12 -0.12
C GLN A 218 19.44 22.50 -0.68
N ARG A 219 19.46 23.59 -1.43
CA ARG A 219 20.71 24.18 -1.90
C ARG A 219 20.83 25.57 -1.28
N ASP A 220 21.93 25.79 -0.55
CA ASP A 220 22.17 27.05 0.16
C ASP A 220 21.02 27.40 1.12
N GLY A 221 20.27 26.39 1.55
CA GLY A 221 19.19 26.60 2.49
C GLY A 221 17.83 26.80 1.83
N GLU A 222 17.79 26.73 0.50
CA GLU A 222 16.53 26.91 -0.21
C GLU A 222 16.05 25.59 -0.80
N ASP A 223 14.74 25.36 -0.73
CA ASP A 223 14.15 24.11 -1.19
C ASP A 223 14.48 23.85 -2.66
N GLN A 224 14.80 22.60 -2.97
CA GLN A 224 15.10 22.25 -4.35
C GLN A 224 14.31 21.02 -4.80
N THR A 225 13.49 21.22 -5.81
CA THR A 225 12.72 20.13 -6.42
C THR A 225 13.27 19.83 -7.81
N GLN A 226 13.99 20.80 -8.36
CA GLN A 226 14.63 20.61 -9.67
C GLN A 226 15.77 19.61 -9.57
N ASP A 227 15.86 18.74 -10.57
CA ASP A 227 16.90 17.71 -10.63
C ASP A 227 16.89 16.78 -9.42
N THR A 228 15.71 16.58 -8.84
CA THR A 228 15.55 15.66 -7.71
C THR A 228 14.68 14.46 -8.07
N GLU A 229 14.86 13.37 -7.32
CA GLU A 229 14.10 12.15 -7.52
C GLU A 229 13.72 11.55 -6.17
N LEU A 230 12.43 11.28 -5.98
CA LEU A 230 11.93 10.66 -4.76
C LEU A 230 11.33 9.31 -5.09
N VAL A 231 11.83 8.23 -4.49
CA VAL A 231 11.19 6.94 -4.70
C VAL A 231 10.04 6.76 -3.72
N GLU A 232 9.09 5.92 -4.10
CA GLU A 232 7.98 5.57 -3.22
C GLU A 232 8.51 4.90 -1.95
N THR A 233 7.97 5.32 -0.81
CA THR A 233 8.26 4.67 0.46
C THR A 233 7.95 3.19 0.34
N ARG A 234 8.87 2.34 0.78
CA ARG A 234 8.78 0.91 0.51
C ARG A 234 8.97 0.09 1.79
N PRO A 235 8.30 -1.07 1.87
CA PRO A 235 8.44 -1.94 3.04
C PRO A 235 9.73 -2.74 3.03
N ALA A 236 10.43 -2.81 4.16
CA ALA A 236 11.64 -3.61 4.26
C ALA A 236 11.28 -5.08 4.41
N GLY A 237 10.09 -5.34 4.97
CA GLY A 237 9.62 -6.69 5.19
C GLY A 237 9.65 -7.13 6.64
N ASP A 238 10.22 -6.28 7.50
CA ASP A 238 10.32 -6.59 8.92
C ASP A 238 9.44 -5.67 9.76
N GLY A 239 8.53 -4.98 9.10
CA GLY A 239 7.63 -4.05 9.77
C GLY A 239 8.10 -2.62 9.69
N THR A 240 9.30 -2.39 9.14
CA THR A 240 9.80 -1.03 8.96
C THR A 240 9.80 -0.65 7.49
N PHE A 241 10.10 0.62 7.23
CA PHE A 241 10.05 1.16 5.88
C PHE A 241 11.37 1.81 5.46
N GLN A 242 11.51 2.04 4.16
CA GLN A 242 12.70 2.65 3.58
C GLN A 242 12.30 3.72 2.57
N LYS A 243 13.18 4.69 2.37
CA LYS A 243 12.98 5.71 1.33
C LYS A 243 14.30 6.39 1.01
N TRP A 244 14.47 6.84 -0.23
CA TRP A 244 15.58 7.73 -0.54
C TRP A 244 15.18 8.87 -1.45
N ALA A 245 15.99 9.91 -1.42
CA ALA A 245 15.80 11.10 -2.24
C ALA A 245 17.12 11.48 -2.85
N ALA A 246 17.16 11.72 -4.16
CA ALA A 246 18.42 12.03 -4.81
C ALA A 246 18.37 13.37 -5.52
N VAL A 247 19.53 13.98 -5.70
CA VAL A 247 19.62 15.22 -6.46
C VAL A 247 20.88 15.18 -7.32
N VAL A 248 20.80 15.74 -8.52
CA VAL A 248 21.97 15.84 -9.40
C VAL A 248 22.56 17.23 -9.27
N VAL A 249 23.85 17.29 -8.92
CA VAL A 249 24.53 18.53 -8.62
C VAL A 249 25.79 18.69 -9.48
N PRO A 250 26.23 19.93 -9.69
CA PRO A 250 27.51 20.15 -10.36
C PRO A 250 28.67 19.65 -9.50
N SER A 251 29.60 18.91 -10.10
CA SER A 251 30.73 18.39 -9.36
C SER A 251 31.54 19.50 -8.72
N GLY A 252 31.84 19.35 -7.44
CA GLY A 252 32.57 20.37 -6.70
C GLY A 252 31.67 21.23 -5.82
N GLN A 253 30.37 21.16 -6.05
CA GLN A 253 29.43 21.98 -5.29
C GLN A 253 28.59 21.19 -4.29
N GLU A 254 29.05 19.98 -3.96
CA GLU A 254 28.32 19.09 -3.05
C GLU A 254 28.02 19.72 -1.70
N GLN A 255 28.94 20.54 -1.19
CA GLN A 255 28.83 21.12 0.14
C GLN A 255 27.68 22.12 0.29
N ARG A 256 27.16 22.60 -0.84
CA ARG A 256 26.06 23.56 -0.81
C ARG A 256 24.72 22.88 -0.58
N TYR A 257 24.72 21.55 -0.63
CA TYR A 257 23.48 20.80 -0.57
C TYR A 257 23.31 20.11 0.78
N THR A 258 22.08 20.13 1.28
CA THR A 258 21.76 19.46 2.53
C THR A 258 20.48 18.66 2.36
N CYS A 259 20.47 17.45 2.94
CA CYS A 259 19.26 16.65 2.98
C CYS A 259 18.59 16.83 4.34
N HIS A 260 17.28 17.00 4.34
CA HIS A 260 16.52 17.22 5.57
C HIS A 260 15.53 16.10 5.76
N VAL A 261 15.57 15.50 6.95
CA VAL A 261 14.74 14.35 7.26
C VAL A 261 13.80 14.66 8.42
N GLN A 262 12.50 14.56 8.15
CA GLN A 262 11.47 14.75 9.17
C GLN A 262 10.73 13.44 9.41
N HIS A 263 10.66 13.04 10.69
CA HIS A 263 9.96 11.83 11.08
C HIS A 263 9.46 11.98 12.50
N GLU A 264 8.42 11.23 12.84
CA GLU A 264 7.87 11.21 14.19
C GLU A 264 8.96 10.90 15.23
N GLY A 265 9.88 10.02 14.85
CA GLY A 265 10.97 9.61 15.73
C GLY A 265 12.14 10.57 15.78
N LEU A 266 12.03 11.69 15.05
CA LEU A 266 13.05 12.74 15.11
C LEU A 266 12.44 14.05 15.59
N PRO A 267 12.37 14.24 16.92
CA PRO A 267 11.82 15.50 17.47
C PRO A 267 12.52 16.71 16.86
N LYS A 268 13.84 16.59 16.72
CA LYS A 268 14.63 17.55 15.96
C LYS A 268 14.90 16.94 14.58
N PRO A 269 14.45 17.63 13.51
CA PRO A 269 14.68 17.11 12.16
C PRO A 269 16.17 16.98 11.88
N LEU A 270 16.55 16.06 10.99
CA LEU A 270 17.95 15.83 10.71
C LEU A 270 18.40 16.61 9.48
N THR A 271 19.65 17.05 9.51
CA THR A 271 20.29 17.66 8.35
C THR A 271 21.58 16.91 8.03
N LEU A 272 21.62 16.28 6.86
CA LEU A 272 22.81 15.56 6.41
C LEU A 272 23.52 16.34 5.31
N ARG A 273 24.84 16.24 5.30
CA ARG A 273 25.65 16.88 4.27
C ARG A 273 26.71 15.90 3.78
N TRP A 274 27.07 15.98 2.50
CA TRP A 274 28.09 15.09 1.96
C TRP A 274 29.46 15.42 2.54
N GLU A 275 29.95 14.50 3.38
CA GLU A 275 31.23 14.59 4.12
C GLU A 275 31.76 16.02 4.29
N MET B 1 -11.14 3.24 -18.56
CA MET B 1 -10.29 2.22 -17.94
C MET B 1 -8.92 2.77 -17.58
N ILE B 2 -8.63 2.87 -16.29
CA ILE B 2 -7.33 3.35 -15.85
C ILE B 2 -6.26 2.29 -16.06
N GLN B 3 -5.17 2.67 -16.72
CA GLN B 3 -4.01 1.81 -16.85
C GLN B 3 -2.79 2.52 -16.31
N ARG B 4 -2.19 1.96 -15.27
CA ARG B 4 -1.03 2.55 -14.64
C ARG B 4 0.17 1.59 -14.69
N THR B 5 1.29 2.11 -15.16
CA THR B 5 2.53 1.33 -15.23
C THR B 5 3.13 1.11 -13.86
N PRO B 6 3.58 -0.12 -13.56
CA PRO B 6 4.21 -0.36 -12.27
C PRO B 6 5.55 0.36 -12.07
N LYS B 7 5.72 0.90 -10.87
CA LYS B 7 7.00 1.37 -10.39
C LYS B 7 7.69 0.21 -9.67
N ILE B 8 8.91 -0.09 -10.09
CA ILE B 8 9.60 -1.29 -9.65
C ILE B 8 10.86 -0.97 -8.85
N GLN B 9 10.94 -1.48 -7.63
CA GLN B 9 12.15 -1.29 -6.82
C GLN B 9 12.69 -2.64 -6.38
N VAL B 10 13.99 -2.82 -6.53
CA VAL B 10 14.66 -4.07 -6.15
C VAL B 10 15.73 -3.76 -5.11
N TYR B 11 15.63 -4.38 -3.93
CA TYR B 11 16.46 -3.94 -2.80
C TYR B 11 16.53 -5.00 -1.71
N SER B 12 17.39 -4.81 -0.71
CA SER B 12 17.47 -5.79 0.36
C SER B 12 16.83 -5.27 1.65
N ARG B 13 16.33 -6.20 2.47
CA ARG B 13 15.71 -5.83 3.74
C ARG B 13 16.70 -5.12 4.66
N HIS B 14 17.90 -5.69 4.75
CA HIS B 14 18.98 -5.14 5.57
C HIS B 14 20.14 -4.73 4.67
N PRO B 15 21.00 -3.81 5.16
CA PRO B 15 22.20 -3.45 4.38
C PRO B 15 22.95 -4.71 3.94
N ALA B 16 23.28 -4.77 2.65
CA ALA B 16 23.86 -5.97 2.08
C ALA B 16 25.29 -6.21 2.55
N GLU B 17 25.56 -7.43 2.98
CA GLU B 17 26.91 -7.89 3.29
C GLU B 17 27.07 -9.28 2.73
N ASN B 18 28.02 -9.45 1.81
CA ASN B 18 28.27 -10.74 1.20
C ASN B 18 28.53 -11.82 2.25
N GLY B 19 27.84 -12.95 2.12
CA GLY B 19 28.03 -14.07 3.04
C GLY B 19 27.07 -14.07 4.22
N LYS B 20 26.26 -13.03 4.35
CA LYS B 20 25.32 -12.95 5.45
C LYS B 20 23.88 -13.00 4.96
N SER B 21 23.06 -13.78 5.66
CA SER B 21 21.66 -13.97 5.28
C SER B 21 20.89 -12.64 5.28
N ASN B 22 19.88 -12.57 4.41
CA ASN B 22 19.19 -11.32 4.15
C ASN B 22 17.89 -11.64 3.42
N PHE B 23 17.12 -10.62 3.06
CA PHE B 23 15.97 -10.81 2.19
C PHE B 23 16.07 -9.92 0.96
N LEU B 24 15.85 -10.51 -0.21
CA LEU B 24 15.74 -9.79 -1.46
C LEU B 24 14.29 -9.43 -1.74
N ASN B 25 14.04 -8.13 -1.93
CA ASN B 25 12.72 -7.58 -2.17
C ASN B 25 12.53 -7.03 -3.58
N CYS B 26 11.37 -7.31 -4.15
CA CYS B 26 10.90 -6.61 -5.34
C CYS B 26 9.55 -5.98 -4.99
N TYR B 27 9.53 -4.66 -4.91
CA TYR B 27 8.33 -3.92 -4.57
C TYR B 27 7.78 -3.30 -5.84
N VAL B 28 6.56 -3.68 -6.21
CA VAL B 28 5.89 -3.08 -7.36
C VAL B 28 4.72 -2.25 -6.86
N SER B 29 4.67 -0.98 -7.27
CA SER B 29 3.63 -0.10 -6.76
C SER B 29 3.05 0.78 -7.85
N GLY B 30 1.93 1.43 -7.55
CA GLY B 30 1.33 2.38 -8.47
C GLY B 30 0.80 1.80 -9.77
N PHE B 31 0.42 0.52 -9.78
CA PHE B 31 -0.08 -0.09 -11.03
C PHE B 31 -1.59 -0.35 -11.03
N HIS B 32 -2.12 -0.49 -12.24
CA HIS B 32 -3.53 -0.80 -12.48
C HIS B 32 -3.64 -1.25 -13.93
N PRO B 33 -4.37 -2.36 -14.19
CA PRO B 33 -5.12 -3.22 -13.27
C PRO B 33 -4.22 -4.12 -12.43
N SER B 34 -4.83 -4.98 -11.62
CA SER B 34 -4.10 -5.75 -10.62
C SER B 34 -3.31 -6.93 -11.17
N ASP B 35 -3.69 -7.42 -12.34
CA ASP B 35 -3.00 -8.57 -12.92
C ASP B 35 -1.55 -8.21 -13.24
N ILE B 36 -0.62 -8.92 -12.62
CA ILE B 36 0.80 -8.62 -12.80
C ILE B 36 1.64 -9.87 -12.56
N GLU B 37 2.71 -10.01 -13.36
CA GLU B 37 3.67 -11.09 -13.16
C GLU B 37 4.92 -10.54 -12.50
N VAL B 38 5.33 -11.15 -11.40
CA VAL B 38 6.57 -10.76 -10.73
C VAL B 38 7.41 -11.99 -10.40
N ASP B 39 8.62 -12.03 -10.92
CA ASP B 39 9.53 -13.14 -10.64
C ASP B 39 10.89 -12.62 -10.17
N LEU B 40 11.47 -13.27 -9.16
CA LEU B 40 12.82 -12.94 -8.76
C LEU B 40 13.79 -13.89 -9.46
N LEU B 41 14.88 -13.33 -10.00
CA LEU B 41 15.85 -14.09 -10.78
C LEU B 41 17.21 -14.11 -10.10
N LYS B 42 17.80 -15.31 -10.06
CA LYS B 42 19.18 -15.49 -9.63
C LYS B 42 19.99 -15.98 -10.81
N ASN B 43 20.92 -15.16 -11.27
CA ASN B 43 21.73 -15.47 -12.46
C ASN B 43 20.87 -15.87 -13.66
N GLY B 44 19.76 -15.16 -13.85
CA GLY B 44 18.91 -15.36 -15.00
C GLY B 44 17.83 -16.42 -14.86
N GLU B 45 17.85 -17.17 -13.75
CA GLU B 45 16.86 -18.22 -13.52
C GLU B 45 15.92 -17.84 -12.39
N ARG B 46 14.64 -18.14 -12.53
CA ARG B 46 13.67 -17.71 -11.54
C ARG B 46 13.82 -18.48 -10.24
N ILE B 47 13.57 -17.78 -9.14
CA ILE B 47 13.63 -18.35 -7.80
C ILE B 47 12.24 -18.85 -7.40
N GLU B 48 12.16 -20.09 -6.93
CA GLU B 48 10.86 -20.67 -6.59
C GLU B 48 10.33 -20.20 -5.25
N LYS B 49 11.18 -20.23 -4.22
CA LYS B 49 10.73 -19.92 -2.87
C LYS B 49 10.64 -18.42 -2.64
N VAL B 50 9.63 -17.81 -3.27
CA VAL B 50 9.36 -16.39 -3.14
C VAL B 50 7.98 -16.21 -2.53
N GLU B 51 7.87 -15.34 -1.52
CA GLU B 51 6.58 -15.03 -0.93
C GLU B 51 6.09 -13.70 -1.48
N HIS B 52 4.78 -13.46 -1.37
CA HIS B 52 4.27 -12.15 -1.72
C HIS B 52 3.16 -11.70 -0.77
N SER B 53 3.06 -10.39 -0.62
CA SER B 53 2.06 -9.76 0.23
C SER B 53 0.65 -9.88 -0.34
N ASP B 54 -0.32 -9.54 0.49
CA ASP B 54 -1.72 -9.47 0.08
C ASP B 54 -1.97 -8.18 -0.69
N LEU B 55 -2.58 -8.30 -1.87
CA LEU B 55 -2.89 -7.16 -2.71
C LEU B 55 -3.62 -6.07 -1.93
N SER B 56 -3.05 -4.86 -1.98
CA SER B 56 -3.68 -3.70 -1.35
C SER B 56 -3.50 -2.52 -2.29
N PHE B 57 -4.02 -1.36 -1.90
CA PHE B 57 -3.93 -0.22 -2.79
C PHE B 57 -3.82 1.10 -2.04
N SER B 58 -3.38 2.12 -2.76
CA SER B 58 -3.13 3.44 -2.21
C SER B 58 -4.31 4.36 -2.41
N LYS B 59 -4.14 5.60 -1.98
CA LYS B 59 -5.21 6.58 -2.03
C LYS B 59 -5.73 6.83 -3.45
N ASP B 60 -4.84 6.73 -4.43
CA ASP B 60 -5.22 6.94 -5.84
C ASP B 60 -5.72 5.66 -6.51
N TRP B 61 -6.00 4.64 -5.68
CA TRP B 61 -6.53 3.33 -6.07
C TRP B 61 -5.50 2.41 -6.74
N SER B 62 -4.29 2.90 -6.94
CA SER B 62 -3.26 2.07 -7.59
C SER B 62 -2.79 0.98 -6.64
N PHE B 63 -2.41 -0.17 -7.19
CA PHE B 63 -2.07 -1.33 -6.37
C PHE B 63 -0.60 -1.38 -6.00
N TYR B 64 -0.30 -2.11 -4.92
CA TYR B 64 1.08 -2.41 -4.58
C TYR B 64 1.21 -3.83 -4.03
N LEU B 65 2.37 -4.43 -4.30
CA LEU B 65 2.70 -5.78 -3.90
C LEU B 65 4.19 -5.88 -3.58
N LEU B 66 4.51 -6.64 -2.53
CA LEU B 66 5.89 -6.95 -2.22
C LEU B 66 6.16 -8.44 -2.44
N TYR B 67 7.15 -8.74 -3.28
CA TYR B 67 7.64 -10.10 -3.45
C TYR B 67 8.99 -10.21 -2.75
N TYR B 68 9.20 -11.26 -1.97
CA TYR B 68 10.46 -11.33 -1.23
C TYR B 68 10.94 -12.76 -1.08
N THR B 69 12.27 -12.90 -0.98
CA THR B 69 12.86 -14.23 -0.81
C THR B 69 14.07 -14.15 0.11
N GLU B 70 14.28 -15.18 0.91
CA GLU B 70 15.48 -15.23 1.75
C GLU B 70 16.68 -15.57 0.89
N PHE B 71 17.79 -14.88 1.10
CA PHE B 71 18.97 -15.11 0.26
C PHE B 71 20.26 -14.65 0.93
N THR B 72 21.37 -15.18 0.46
CA THR B 72 22.68 -14.79 0.97
C THR B 72 23.52 -14.24 -0.18
N PRO B 73 23.64 -12.91 -0.24
CA PRO B 73 24.34 -12.26 -1.36
C PRO B 73 25.81 -12.65 -1.43
N THR B 74 26.32 -12.75 -2.65
CA THR B 74 27.75 -12.99 -2.88
C THR B 74 28.26 -11.97 -3.87
N GLU B 75 29.57 -12.01 -4.10
CA GLU B 75 30.18 -11.09 -5.05
C GLU B 75 29.79 -11.46 -6.48
N LYS B 76 29.62 -12.76 -6.73
CA LYS B 76 29.40 -13.27 -8.08
C LYS B 76 27.94 -13.25 -8.53
N ASP B 77 27.02 -13.49 -7.59
CA ASP B 77 25.63 -13.75 -7.95
C ASP B 77 24.88 -12.50 -8.37
N GLU B 78 24.19 -12.60 -9.50
CA GLU B 78 23.41 -11.49 -10.03
C GLU B 78 21.94 -11.70 -9.76
N TYR B 79 21.30 -10.73 -9.12
CA TYR B 79 19.88 -10.84 -8.83
C TYR B 79 19.11 -9.80 -9.61
N ALA B 80 17.86 -10.14 -9.95
CA ALA B 80 17.02 -9.20 -10.67
C ALA B 80 15.54 -9.49 -10.41
N CYS B 81 14.69 -8.58 -10.83
CA CYS B 81 13.25 -8.78 -10.76
C CYS B 81 12.65 -8.58 -12.14
N ARG B 82 11.90 -9.58 -12.60
CA ARG B 82 11.22 -9.53 -13.88
C ARG B 82 9.74 -9.24 -13.66
N VAL B 83 9.24 -8.20 -14.31
CA VAL B 83 7.86 -7.79 -14.15
C VAL B 83 7.14 -7.71 -15.50
N ASN B 84 5.96 -8.32 -15.58
CA ASN B 84 5.14 -8.16 -16.76
C ASN B 84 3.77 -7.62 -16.40
N HIS B 85 3.26 -6.73 -17.25
CA HIS B 85 2.01 -6.02 -17.01
C HIS B 85 1.48 -5.55 -18.34
N VAL B 86 0.17 -5.30 -18.42
CA VAL B 86 -0.45 -4.94 -19.69
C VAL B 86 0.08 -3.60 -20.22
N THR B 87 0.62 -2.77 -19.33
CA THR B 87 1.15 -1.46 -19.73
C THR B 87 2.54 -1.55 -20.34
N LEU B 88 3.16 -2.72 -20.24
CA LEU B 88 4.51 -2.92 -20.74
C LEU B 88 4.50 -3.61 -22.11
N SER B 89 5.21 -3.02 -23.08
CA SER B 89 5.31 -3.61 -24.40
C SER B 89 6.11 -4.91 -24.37
N GLN B 90 7.03 -4.99 -23.41
CA GLN B 90 7.78 -6.21 -23.15
C GLN B 90 8.09 -6.28 -21.65
N PRO B 91 8.33 -7.49 -21.13
CA PRO B 91 8.67 -7.64 -19.71
C PRO B 91 9.86 -6.77 -19.32
N LYS B 92 9.78 -6.15 -18.15
CA LYS B 92 10.84 -5.29 -17.66
C LYS B 92 11.70 -6.05 -16.65
N ILE B 93 13.01 -6.06 -16.86
CA ILE B 93 13.91 -6.69 -15.91
C ILE B 93 14.75 -5.62 -15.21
N VAL B 94 14.62 -5.56 -13.90
CA VAL B 94 15.33 -4.57 -13.10
C VAL B 94 16.36 -5.27 -12.23
N LYS B 95 17.63 -4.94 -12.46
CA LYS B 95 18.71 -5.57 -11.73
C LYS B 95 18.81 -5.04 -10.31
N TRP B 96 19.21 -5.89 -9.37
CA TRP B 96 19.47 -5.45 -8.01
C TRP B 96 20.69 -4.54 -7.98
N ASP B 97 20.45 -3.27 -7.64
CA ASP B 97 21.49 -2.27 -7.43
C ASP B 97 21.56 -2.03 -5.92
N ARG B 98 22.74 -2.23 -5.34
CA ARG B 98 22.89 -2.18 -3.89
C ARG B 98 22.75 -0.75 -3.31
N ASP B 99 22.70 0.26 -4.17
CA ASP B 99 22.46 1.62 -3.69
C ASP B 99 21.18 2.20 -4.29
N MET B 100 20.18 1.35 -4.49
CA MET B 100 18.88 1.84 -4.95
C MET B 100 17.75 1.18 -4.17
N GLY C 1 -12.53 -4.65 13.38
CA GLY C 1 -13.66 -5.43 12.90
C GLY C 1 -14.38 -4.73 11.76
N VAL C 2 -14.76 -5.49 10.74
CA VAL C 2 -15.38 -4.92 9.55
C VAL C 2 -16.83 -4.49 9.80
N TRP C 3 -17.34 -3.68 8.87
CA TRP C 3 -18.74 -3.29 8.83
C TRP C 3 -19.60 -4.55 8.64
N ILE C 4 -20.82 -4.53 9.20
CA ILE C 4 -21.69 -5.71 9.20
C ILE C 4 -21.94 -6.29 7.80
N ARG C 5 -22.27 -5.42 6.85
CA ARG C 5 -22.45 -5.81 5.46
C ARG C 5 -22.49 -4.56 4.58
N THR C 6 -22.35 -4.76 3.28
CA THR C 6 -22.33 -3.65 2.32
C THR C 6 -23.55 -3.69 1.42
N PRO C 7 -24.11 -2.51 1.09
CA PRO C 7 -25.26 -2.45 0.19
C PRO C 7 -24.84 -2.61 -1.27
N PRO C 8 -25.67 -3.27 -2.09
CA PRO C 8 -25.34 -3.37 -3.52
C PRO C 8 -25.38 -2.01 -4.22
N ALA C 9 -24.50 -1.83 -5.20
CA ALA C 9 -24.44 -0.60 -5.98
C ALA C 9 -25.54 -0.54 -7.03
#